data_6FNK
#
_entry.id   6FNK
#
_cell.length_a   45.522
_cell.length_b   53.577
_cell.length_c   61.345
_cell.angle_alpha   90.00
_cell.angle_beta   110.55
_cell.angle_gamma   90.00
#
_symmetry.space_group_name_H-M   'P 1 21 1'
#
loop_
_entity.id
_entity.type
_entity.pdbx_description
1 polymer 'Ephrin type-B receptor 4'
2 non-polymer 1-methyl-6-pyridin-3-yl-pyrazolo[3,4-d]pyrimidin-4-amine
3 non-polymer 1,2-ETHANEDIOL
4 water water
#
_entity_poly.entity_id   1
_entity_poly.type   'polypeptide(L)'
_entity_poly.pdbx_seq_one_letter_code
;GMDPNEAVREFAKEIDVSYVKIEEVIGAGEFGEVCRGRLKAPGKKESCVAIKTLKGGYTERQRREFLSEASIMGQFEHPN
IIRLEGVVTNSMPVMILTEFMENGALDSFLRLNDGQFTVIQLVGMLRGIASGMRYLAEMSYVHRDLAARNILVNSNLVCK
VSDFGLSRFLEENSSDPTETSSLGGKIPIRWTAPEAIAFRKFTSASDVWSYGIVMWEVMSFGERPYWDMSNQDVINAIEQ
DYRLPPPPDCPTSLHQLMLDCWQKDRNARPRFPQIVSALDKMIRNPASLKIVARENG
;
_entity_poly.pdbx_strand_id   A
#
# COMPACT_ATOMS: atom_id res chain seq x y z
N ARG A 9 0.04 9.52 23.43
CA ARG A 9 -0.98 9.73 24.46
C ARG A 9 -2.18 10.50 23.92
N GLU A 10 -1.97 11.77 23.59
CA GLU A 10 -3.02 12.63 23.07
C GLU A 10 -2.91 12.72 21.55
N PHE A 11 -4.04 12.55 20.87
CA PHE A 11 -4.10 12.55 19.41
C PHE A 11 -4.74 13.85 18.91
N ALA A 12 -4.13 14.44 17.88
CA ALA A 12 -4.62 15.73 17.38
C ALA A 12 -6.03 15.61 16.80
N LYS A 13 -6.40 14.42 16.34
CA LYS A 13 -7.72 14.21 15.75
C LYS A 13 -8.63 13.34 16.62
N GLU A 14 -8.51 13.45 17.95
CA GLU A 14 -9.51 12.82 18.80
C GLU A 14 -10.88 13.40 18.46
N ILE A 15 -11.90 12.54 18.37
CA ILE A 15 -13.21 13.02 17.97
C ILE A 15 -14.31 12.40 18.83
N ASP A 16 -15.33 13.20 19.08
CA ASP A 16 -16.49 12.78 19.87
C ASP A 16 -17.18 11.61 19.21
N VAL A 17 -17.37 10.53 19.98
CA VAL A 17 -17.99 9.32 19.44
C VAL A 17 -19.40 9.59 18.91
N SER A 18 -20.07 10.61 19.42
CA SER A 18 -21.40 10.91 18.88
C SER A 18 -21.34 11.49 17.46
N TYR A 19 -20.15 11.83 16.96
CA TYR A 19 -20.04 12.30 15.59
C TYR A 19 -19.93 11.16 14.60
N VAL A 20 -19.90 9.91 15.08
CA VAL A 20 -19.62 8.74 14.26
C VAL A 20 -20.88 7.88 14.23
N LYS A 21 -21.35 7.56 13.04
CA LYS A 21 -22.39 6.55 12.84
C LYS A 21 -21.72 5.37 12.15
N ILE A 22 -21.62 4.26 12.86
CA ILE A 22 -21.07 3.02 12.30
C ILE A 22 -22.17 2.34 11.50
N GLU A 23 -21.88 2.05 10.24
CA GLU A 23 -22.82 1.30 9.42
C GLU A 23 -22.21 -0.07 9.19
N GLU A 24 -22.30 -0.59 7.96
CA GLU A 24 -22.08 -2.00 7.76
C GLU A 24 -20.61 -2.38 7.93
N VAL A 25 -20.38 -3.62 8.36
CA VAL A 25 -19.05 -4.19 8.34
C VAL A 25 -18.68 -4.47 6.90
N ILE A 26 -17.51 -4.01 6.51
CA ILE A 26 -17.02 -4.14 5.15
C ILE A 26 -15.73 -4.94 5.07
N GLY A 27 -15.15 -5.33 6.18
CA GLY A 27 -13.90 -6.07 6.12
C GLY A 27 -13.50 -6.61 7.47
N ALA A 28 -12.39 -7.34 7.46
CA ALA A 28 -11.74 -7.83 8.66
C ALA A 28 -10.29 -7.37 8.61
N GLY A 29 -9.84 -6.72 9.67
CA GLY A 29 -8.47 -6.25 9.80
C GLY A 29 -7.72 -7.01 10.87
N GLU A 30 -6.50 -6.52 11.15
CA GLU A 30 -5.62 -7.25 12.06
C GLU A 30 -6.20 -7.33 13.47
N PHE A 31 -6.92 -6.30 13.91
CA PHE A 31 -7.38 -6.20 15.28
C PHE A 31 -8.88 -6.33 15.42
N GLY A 32 -9.61 -6.47 14.33
CA GLY A 32 -11.06 -6.48 14.45
C GLY A 32 -11.71 -6.11 13.12
N GLU A 33 -12.95 -5.67 13.22
CA GLU A 33 -13.74 -5.38 12.05
C GLU A 33 -13.35 -4.04 11.46
N VAL A 34 -13.62 -3.91 10.18
CA VAL A 34 -13.58 -2.64 9.49
C VAL A 34 -14.99 -2.37 8.98
N CYS A 35 -15.50 -1.17 9.26
CA CYS A 35 -16.87 -0.81 8.93
C CYS A 35 -16.88 0.44 8.05
N ARG A 36 -17.93 0.58 7.26
CA ARG A 36 -18.24 1.86 6.64
C ARG A 36 -19.05 2.68 7.62
N GLY A 37 -18.85 3.99 7.61
CA GLY A 37 -19.65 4.82 8.47
C GLY A 37 -19.67 6.24 7.97
N ARG A 38 -20.29 7.09 8.77
CA ARG A 38 -20.42 8.51 8.47
C ARG A 38 -19.89 9.31 9.64
N LEU A 39 -19.15 10.36 9.31
CA LEU A 39 -18.58 11.28 10.27
C LEU A 39 -19.23 12.63 10.05
N LYS A 40 -19.90 13.16 11.08
CA LYS A 40 -20.59 14.46 10.99
C LYS A 40 -20.18 15.23 12.23
N ALA A 41 -19.33 16.24 12.04
CA ALA A 41 -18.79 17.08 13.08
C ALA A 41 -19.37 18.48 12.96
N PRO A 42 -19.52 19.18 14.09
CA PRO A 42 -20.12 20.52 14.05
C PRO A 42 -19.35 21.44 13.12
N GLY A 43 -20.09 22.13 12.26
CA GLY A 43 -19.52 23.04 11.28
C GLY A 43 -18.94 22.39 10.06
N LYS A 44 -19.03 21.07 9.93
CA LYS A 44 -18.43 20.35 8.81
C LYS A 44 -19.48 19.47 8.16
N LYS A 45 -19.38 19.34 6.84
CA LYS A 45 -20.31 18.49 6.10
C LYS A 45 -20.06 17.03 6.47
N GLU A 46 -21.10 16.21 6.36
CA GLU A 46 -20.96 14.78 6.64
C GLU A 46 -20.09 14.14 5.58
N SER A 47 -19.18 13.26 6.02
CA SER A 47 -18.33 12.53 5.10
C SER A 47 -18.39 11.03 5.38
N CYS A 48 -18.07 10.24 4.36
N CYS A 48 -18.05 10.24 4.38
CA CYS A 48 -17.95 8.80 4.52
CA CYS A 48 -17.99 8.80 4.53
C CYS A 48 -16.58 8.47 5.09
C CYS A 48 -16.60 8.39 4.99
N VAL A 49 -16.54 7.51 5.99
CA VAL A 49 -15.29 7.06 6.58
C VAL A 49 -15.28 5.55 6.64
N ALA A 50 -14.08 5.01 6.69
CA ALA A 50 -13.86 3.65 7.14
C ALA A 50 -13.51 3.68 8.62
N ILE A 51 -14.01 2.71 9.36
CA ILE A 51 -13.86 2.71 10.81
C ILE A 51 -13.27 1.37 11.22
N LYS A 52 -12.08 1.40 11.82
CA LYS A 52 -11.49 0.22 12.45
C LYS A 52 -11.83 0.29 13.93
N THR A 53 -12.34 -0.81 14.48
CA THR A 53 -12.67 -0.85 15.89
C THR A 53 -11.83 -1.91 16.59
N LEU A 54 -11.48 -1.62 17.83
CA LEU A 54 -10.78 -2.55 18.71
C LEU A 54 -11.77 -2.89 19.81
N LYS A 55 -12.29 -4.11 19.78
CA LYS A 55 -13.40 -4.54 20.63
C LYS A 55 -12.96 -5.68 21.56
N GLY A 56 -13.74 -5.86 22.61
CA GLY A 56 -13.60 -7.02 23.49
C GLY A 56 -12.42 -6.96 24.43
N GLY A 57 -11.75 -8.11 24.58
CA GLY A 57 -10.64 -8.22 25.50
C GLY A 57 -9.30 -8.22 24.77
N TYR A 58 -8.50 -7.19 25.01
CA TYR A 58 -7.22 -7.04 24.36
C TYR A 58 -6.21 -6.53 25.37
N THR A 59 -4.94 -6.85 25.13
CA THR A 59 -3.86 -6.37 25.97
C THR A 59 -3.67 -4.87 25.76
N GLU A 60 -2.91 -4.27 26.68
CA GLU A 60 -2.50 -2.89 26.49
C GLU A 60 -1.53 -2.76 25.32
N ARG A 61 -0.67 -3.77 25.14
CA ARG A 61 0.22 -3.80 23.98
C ARG A 61 -0.56 -3.75 22.67
N GLN A 62 -1.59 -4.57 22.54
CA GLN A 62 -2.40 -4.54 21.33
C GLN A 62 -3.02 -3.16 21.11
N ARG A 63 -3.53 -2.54 22.18
N ARG A 63 -3.52 -2.54 22.19
CA ARG A 63 -4.13 -1.22 22.05
CA ARG A 63 -4.13 -1.22 22.06
C ARG A 63 -3.13 -0.21 21.50
C ARG A 63 -3.14 -0.20 21.51
N ARG A 64 -1.91 -0.21 22.05
CA ARG A 64 -0.88 0.70 21.55
C ARG A 64 -0.49 0.37 20.12
N GLU A 65 -0.38 -0.91 19.79
CA GLU A 65 -0.06 -1.29 18.42
C GLU A 65 -1.15 -0.83 17.46
N PHE A 66 -2.42 -1.10 17.81
CA PHE A 66 -3.54 -0.63 17.01
C PHE A 66 -3.49 0.88 16.80
N LEU A 67 -3.28 1.64 17.89
CA LEU A 67 -3.35 3.10 17.79
C LEU A 67 -2.12 3.71 17.15
N SER A 68 -0.99 2.99 17.16
CA SER A 68 0.22 3.47 16.51
C SER A 68 -0.04 3.75 15.04
N GLU A 69 -0.93 2.98 14.41
CA GLU A 69 -1.20 3.26 13.01
C GLU A 69 -1.79 4.65 12.83
N ALA A 70 -2.69 5.06 13.73
CA ALA A 70 -3.24 6.42 13.67
C ALA A 70 -2.17 7.46 13.94
N SER A 71 -1.30 7.21 14.93
CA SER A 71 -0.22 8.14 15.22
C SER A 71 0.62 8.40 13.97
N ILE A 72 0.98 7.33 13.24
CA ILE A 72 1.82 7.48 12.07
C ILE A 72 1.04 8.09 10.91
N MET A 73 -0.15 7.56 10.63
N MET A 73 -0.14 7.53 10.62
CA MET A 73 -0.95 8.08 9.53
CA MET A 73 -0.99 8.08 9.56
C MET A 73 -1.23 9.57 9.69
C MET A 73 -1.19 9.58 9.71
N GLY A 74 -1.42 10.03 10.93
CA GLY A 74 -1.72 11.42 11.17
C GLY A 74 -0.55 12.35 10.91
N GLN A 75 0.65 11.80 10.74
CA GLN A 75 1.79 12.64 10.39
C GLN A 75 1.82 13.00 8.93
N PHE A 76 0.97 12.39 8.11
CA PHE A 76 1.08 12.50 6.67
C PHE A 76 -0.10 13.26 6.09
N GLU A 77 0.12 13.91 4.95
CA GLU A 77 -0.93 14.60 4.21
C GLU A 77 -0.55 14.59 2.75
N HIS A 78 -1.21 13.74 1.94
CA HIS A 78 -0.83 13.58 0.56
C HIS A 78 -1.99 12.89 -0.13
N PRO A 79 -2.30 13.21 -1.38
CA PRO A 79 -3.47 12.59 -2.03
C PRO A 79 -3.35 11.11 -2.27
N ASN A 80 -2.15 10.54 -2.22
CA ASN A 80 -1.95 9.11 -2.42
C ASN A 80 -1.53 8.40 -1.15
N ILE A 81 -1.84 9.00 0.00
CA ILE A 81 -1.63 8.36 1.30
C ILE A 81 -2.97 8.41 2.02
N ILE A 82 -3.38 7.28 2.62
N ILE A 82 -3.44 7.26 2.53
CA ILE A 82 -4.67 7.23 3.30
CA ILE A 82 -4.74 7.24 3.19
C ILE A 82 -4.73 8.30 4.36
C ILE A 82 -4.76 8.26 4.31
N ARG A 83 -5.82 9.06 4.36
CA ARG A 83 -6.00 10.15 5.30
C ARG A 83 -6.66 9.71 6.61
N LEU A 84 -6.07 10.11 7.71
CA LEU A 84 -6.68 9.90 9.03
C LEU A 84 -7.73 10.97 9.26
N GLU A 85 -8.96 10.55 9.55
CA GLU A 85 -10.05 11.48 9.83
C GLU A 85 -10.31 11.64 11.31
N GLY A 86 -9.82 10.74 12.16
CA GLY A 86 -9.96 10.90 13.59
C GLY A 86 -9.74 9.59 14.32
N VAL A 87 -9.65 9.71 15.65
CA VAL A 87 -9.59 8.54 16.53
C VAL A 87 -10.55 8.73 17.68
N VAL A 88 -10.96 7.62 18.25
CA VAL A 88 -11.74 7.60 19.47
C VAL A 88 -10.92 6.78 20.43
N THR A 89 -10.33 7.44 21.43
CA THR A 89 -9.50 6.77 22.42
C THR A 89 -9.92 7.07 23.85
N ASN A 90 -10.70 8.11 24.07
CA ASN A 90 -11.17 8.47 25.40
C ASN A 90 -12.38 7.66 25.83
N SER A 91 -12.85 6.75 24.98
CA SER A 91 -14.00 5.91 25.29
C SER A 91 -13.89 4.61 24.51
N MET A 92 -14.80 3.69 24.83
CA MET A 92 -14.83 2.34 24.25
C MET A 92 -16.04 2.19 23.35
N PRO A 93 -15.89 1.46 22.23
CA PRO A 93 -14.65 0.84 21.74
C PRO A 93 -13.70 1.86 21.12
N VAL A 94 -12.40 1.51 21.10
CA VAL A 94 -11.41 2.33 20.44
C VAL A 94 -11.60 2.24 18.93
N MET A 95 -11.42 3.37 18.25
CA MET A 95 -11.71 3.49 16.83
C MET A 95 -10.67 4.35 16.16
N ILE A 96 -10.36 3.96 14.92
CA ILE A 96 -9.58 4.77 13.98
C ILE A 96 -10.48 5.01 12.78
N LEU A 97 -10.65 6.26 12.39
CA LEU A 97 -11.44 6.62 11.22
C LEU A 97 -10.50 7.11 10.14
N THR A 98 -10.67 6.60 8.94
CA THR A 98 -9.94 7.07 7.76
C THR A 98 -10.92 7.46 6.67
N GLU A 99 -10.39 8.10 5.63
CA GLU A 99 -11.20 8.28 4.44
C GLU A 99 -11.66 6.92 3.91
N PHE A 100 -12.81 6.91 3.29
CA PHE A 100 -13.38 5.69 2.76
C PHE A 100 -12.92 5.46 1.34
N MET A 101 -12.58 4.22 1.04
CA MET A 101 -12.02 3.83 -0.26
C MET A 101 -12.94 2.78 -0.83
N GLU A 102 -13.88 3.17 -1.70
N GLU A 102 -13.79 3.23 -1.75
CA GLU A 102 -14.98 2.28 -2.05
CA GLU A 102 -14.96 2.49 -2.21
C GLU A 102 -14.48 0.97 -2.65
C GLU A 102 -14.60 1.15 -2.87
N ASN A 103 -13.41 1.03 -3.47
CA ASN A 103 -12.96 -0.15 -4.20
C ASN A 103 -12.04 -1.05 -3.41
N GLY A 104 -11.78 -0.73 -2.15
CA GLY A 104 -11.03 -1.64 -1.30
C GLY A 104 -9.58 -1.86 -1.75
N ALA A 105 -9.06 -3.04 -1.45
CA ALA A 105 -7.66 -3.36 -1.71
C ALA A 105 -7.43 -3.56 -3.20
N LEU A 106 -6.28 -3.06 -3.68
CA LEU A 106 -6.00 -3.06 -5.10
C LEU A 106 -5.89 -4.47 -5.66
N ASP A 107 -5.26 -5.40 -4.92
CA ASP A 107 -5.05 -6.73 -5.51
C ASP A 107 -6.38 -7.44 -5.78
N SER A 108 -7.31 -7.40 -4.83
CA SER A 108 -8.59 -8.04 -5.05
C SER A 108 -9.44 -7.25 -6.04
N PHE A 109 -9.31 -5.92 -6.05
CA PHE A 109 -10.04 -5.13 -7.03
C PHE A 109 -9.62 -5.47 -8.45
N LEU A 110 -8.32 -5.66 -8.67
CA LEU A 110 -7.85 -6.02 -10.01
C LEU A 110 -8.24 -7.43 -10.38
N ARG A 111 -8.21 -8.36 -9.43
CA ARG A 111 -8.66 -9.72 -9.76
C ARG A 111 -10.14 -9.72 -10.17
N LEU A 112 -10.95 -8.95 -9.51
CA LEU A 112 -12.36 -8.84 -9.87
C LEU A 112 -12.54 -8.27 -11.26
N ASN A 113 -11.60 -7.45 -11.70
CA ASN A 113 -11.67 -6.69 -12.93
C ASN A 113 -10.61 -7.12 -13.91
N ASP A 114 -10.28 -8.41 -13.92
CA ASP A 114 -9.18 -8.93 -14.73
C ASP A 114 -9.36 -8.57 -16.18
N GLY A 115 -8.38 -7.91 -16.77
CA GLY A 115 -8.38 -7.52 -18.15
C GLY A 115 -9.29 -6.36 -18.49
N GLN A 116 -9.87 -5.71 -17.50
CA GLN A 116 -10.97 -4.77 -17.75
C GLN A 116 -10.55 -3.33 -17.63
N PHE A 117 -9.31 -3.06 -17.23
CA PHE A 117 -8.75 -1.71 -17.25
C PHE A 117 -7.63 -1.70 -18.27
N THR A 118 -7.42 -0.56 -18.90
CA THR A 118 -6.42 -0.46 -19.94
C THR A 118 -5.04 -0.25 -19.31
N VAL A 119 -4.02 -0.46 -20.13
CA VAL A 119 -2.66 -0.22 -19.69
C VAL A 119 -2.52 1.20 -19.15
N ILE A 120 -3.08 2.19 -19.83
CA ILE A 120 -2.90 3.57 -19.36
C ILE A 120 -3.58 3.78 -18.01
N GLN A 121 -4.72 3.11 -17.75
CA GLN A 121 -5.31 3.17 -16.43
C GLN A 121 -4.41 2.50 -15.39
N LEU A 122 -3.84 1.35 -15.72
CA LEU A 122 -2.95 0.68 -14.79
C LEU A 122 -1.73 1.53 -14.49
N VAL A 123 -1.19 2.21 -15.51
CA VAL A 123 -0.05 3.09 -15.29
C VAL A 123 -0.44 4.24 -14.38
N GLY A 124 -1.64 4.78 -14.56
CA GLY A 124 -2.09 5.82 -13.65
C GLY A 124 -2.17 5.36 -12.20
N MET A 125 -2.62 4.11 -11.99
CA MET A 125 -2.64 3.55 -10.65
C MET A 125 -1.23 3.48 -10.10
N LEU A 126 -0.30 2.95 -10.90
CA LEU A 126 1.09 2.84 -10.47
C LEU A 126 1.71 4.19 -10.22
N ARG A 127 1.33 5.21 -10.98
CA ARG A 127 1.83 6.54 -10.76
C ARG A 127 1.36 7.08 -9.41
N GLY A 128 0.08 6.88 -9.07
CA GLY A 128 -0.38 7.31 -7.77
C GLY A 128 0.33 6.62 -6.63
N ILE A 129 0.55 5.31 -6.75
CA ILE A 129 1.28 4.62 -5.70
C ILE A 129 2.69 5.19 -5.58
N ALA A 130 3.35 5.36 -6.73
CA ALA A 130 4.71 5.88 -6.73
C ALA A 130 4.76 7.28 -6.13
N SER A 131 3.76 8.10 -6.39
CA SER A 131 3.73 9.43 -5.79
C SER A 131 3.56 9.36 -4.28
N GLY A 132 2.70 8.46 -3.79
CA GLY A 132 2.62 8.27 -2.36
C GLY A 132 3.95 7.84 -1.76
N MET A 133 4.66 6.95 -2.46
CA MET A 133 5.93 6.47 -1.93
C MET A 133 7.01 7.55 -2.06
N ARG A 134 6.97 8.35 -3.11
CA ARG A 134 7.89 9.49 -3.25
C ARG A 134 7.75 10.41 -2.04
N TYR A 135 6.52 10.66 -1.61
CA TYR A 135 6.25 11.44 -0.41
C TYR A 135 6.76 10.75 0.84
N LEU A 136 6.49 9.45 1.01
CA LEU A 136 6.97 8.78 2.23
C LEU A 136 8.47 8.80 2.29
N ALA A 137 9.13 8.56 1.16
CA ALA A 137 10.59 8.55 1.14
C ALA A 137 11.13 9.95 1.49
N GLU A 138 10.49 11.00 0.99
CA GLU A 138 10.92 12.33 1.33
C GLU A 138 10.69 12.62 2.82
N MET A 139 9.65 12.06 3.42
CA MET A 139 9.40 12.14 4.87
C MET A 139 10.31 11.23 5.68
N SER A 140 11.24 10.51 5.04
CA SER A 140 12.09 9.51 5.68
C SER A 140 11.30 8.39 6.34
N TYR A 141 10.14 8.03 5.77
CA TYR A 141 9.36 6.92 6.26
C TYR A 141 9.57 5.74 5.32
N VAL A 142 10.04 4.64 5.87
CA VAL A 142 10.22 3.39 5.15
C VAL A 142 9.02 2.51 5.46
N HIS A 143 8.33 2.08 4.42
CA HIS A 143 7.06 1.40 4.62
C HIS A 143 7.25 -0.05 5.09
N ARG A 144 8.12 -0.81 4.41
N ARG A 144 8.10 -0.80 4.39
CA ARG A 144 8.50 -2.18 4.73
CA ARG A 144 8.50 -2.17 4.71
C ARG A 144 7.48 -3.23 4.33
C ARG A 144 7.49 -3.23 4.29
N ASP A 145 6.25 -2.84 4.02
CA ASP A 145 5.21 -3.80 3.64
C ASP A 145 4.46 -3.30 2.42
N LEU A 146 5.19 -2.76 1.46
CA LEU A 146 4.54 -2.22 0.27
C LEU A 146 4.17 -3.39 -0.62
N ALA A 147 2.89 -3.53 -0.91
CA ALA A 147 2.31 -4.68 -1.61
C ALA A 147 0.94 -4.24 -2.06
N ALA A 148 0.44 -4.82 -3.16
CA ALA A 148 -0.86 -4.39 -3.67
C ALA A 148 -1.99 -4.55 -2.65
N ARG A 149 -1.90 -5.55 -1.76
N ARG A 149 -1.91 -5.56 -1.77
CA ARG A 149 -2.93 -5.72 -0.73
CA ARG A 149 -2.95 -5.70 -0.74
C ARG A 149 -2.95 -4.60 0.28
C ARG A 149 -3.00 -4.50 0.19
N ASN A 150 -1.91 -3.76 0.29
CA ASN A 150 -1.86 -2.57 1.16
C ASN A 150 -2.12 -1.27 0.44
N ILE A 151 -2.55 -1.34 -0.81
CA ILE A 151 -2.97 -0.16 -1.55
C ILE A 151 -4.48 -0.18 -1.59
N LEU A 152 -5.12 0.95 -1.30
CA LEU A 152 -6.57 1.06 -1.35
C LEU A 152 -6.97 1.93 -2.52
N VAL A 153 -8.18 1.70 -3.02
CA VAL A 153 -8.61 2.30 -4.29
C VAL A 153 -9.93 2.99 -4.06
N ASN A 154 -10.05 4.24 -4.49
CA ASN A 154 -11.33 4.93 -4.37
C ASN A 154 -12.19 4.78 -5.64
N SER A 155 -13.35 5.45 -5.63
N SER A 155 -13.35 5.45 -5.63
CA SER A 155 -14.30 5.32 -6.73
CA SER A 155 -14.29 5.29 -6.74
C SER A 155 -13.71 5.83 -8.03
C SER A 155 -13.80 5.91 -8.03
N ASN A 156 -12.84 6.82 -7.96
CA ASN A 156 -12.19 7.38 -9.14
C ASN A 156 -10.91 6.65 -9.55
N LEU A 157 -10.64 5.49 -8.95
CA LEU A 157 -9.47 4.65 -9.21
C LEU A 157 -8.19 5.24 -8.65
N VAL A 158 -8.28 6.26 -7.79
CA VAL A 158 -7.09 6.81 -7.14
C VAL A 158 -6.60 5.78 -6.14
N CYS A 159 -5.31 5.48 -6.22
CA CYS A 159 -4.68 4.49 -5.35
C CYS A 159 -3.92 5.19 -4.25
N LYS A 160 -4.03 4.66 -3.05
CA LYS A 160 -3.42 5.29 -1.88
C LYS A 160 -2.77 4.23 -1.01
N VAL A 161 -1.57 4.57 -0.55
CA VAL A 161 -0.80 3.71 0.33
C VAL A 161 -1.45 3.68 1.70
N SER A 162 -1.57 2.49 2.26
N SER A 162 -1.58 2.49 2.26
CA SER A 162 -2.06 2.29 3.61
CA SER A 162 -2.10 2.25 3.59
C SER A 162 -1.11 1.41 4.40
C SER A 162 -1.18 1.30 4.34
N ASP A 163 -1.55 0.99 5.58
CA ASP A 163 -0.86 0.05 6.46
C ASP A 163 0.37 0.65 7.10
N PHE A 164 0.18 1.45 8.14
CA PHE A 164 1.27 2.21 8.74
C PHE A 164 1.62 1.66 10.11
N GLY A 165 2.91 1.66 10.42
CA GLY A 165 3.37 1.04 11.64
C GLY A 165 4.89 0.96 11.65
N LEU A 166 5.48 1.22 12.81
CA LEU A 166 6.92 1.24 12.93
C LEU A 166 7.45 0.05 13.73
N SER A 167 6.58 -0.85 14.14
CA SER A 167 7.01 -2.04 14.88
C SER A 167 7.91 -2.93 14.01
N ARG A 168 8.90 -3.54 14.66
CA ARG A 168 9.83 -4.40 13.97
C ARG A 168 9.18 -5.74 13.61
N PHE A 169 9.69 -6.35 12.55
CA PHE A 169 9.26 -7.69 12.18
C PHE A 169 9.69 -8.69 13.25
N LEU A 170 9.04 -9.87 13.24
CA LEU A 170 9.32 -10.88 14.26
C LEU A 170 10.79 -11.28 14.27
N GLU A 171 11.37 -11.33 13.08
CA GLU A 171 12.75 -11.73 12.87
C GLU A 171 13.73 -10.76 13.50
N GLU A 172 13.30 -9.51 13.60
CA GLU A 172 14.06 -8.44 14.23
C GLU A 172 13.87 -8.44 15.74
N GLY A 185 4.60 -8.86 12.73
CA GLY A 185 4.44 -9.99 11.83
C GLY A 185 5.75 -10.38 11.15
N LYS A 186 5.72 -11.39 10.29
CA LYS A 186 6.94 -11.81 9.63
C LYS A 186 7.25 -10.92 8.44
N ILE A 187 8.52 -10.87 8.08
CA ILE A 187 9.01 -10.20 6.87
C ILE A 187 8.26 -10.78 5.68
N PRO A 188 7.62 -9.95 4.87
CA PRO A 188 6.88 -10.44 3.69
C PRO A 188 7.84 -10.77 2.56
N ILE A 189 8.34 -12.00 2.59
CA ILE A 189 9.52 -12.38 1.80
C ILE A 189 9.36 -12.00 0.34
N ARG A 190 8.21 -12.34 -0.26
CA ARG A 190 8.04 -12.16 -1.70
C ARG A 190 8.09 -10.71 -2.15
N TRP A 191 7.87 -9.76 -1.24
CA TRP A 191 7.91 -8.34 -1.55
C TRP A 191 9.19 -7.67 -1.09
N THR A 192 10.13 -8.39 -0.46
CA THR A 192 11.19 -7.74 0.30
C THR A 192 12.54 -7.84 -0.42
N ALA A 193 13.27 -6.74 -0.43
CA ALA A 193 14.55 -6.73 -1.11
C ALA A 193 15.53 -7.69 -0.44
N PRO A 194 16.47 -8.23 -1.22
CA PRO A 194 17.34 -9.27 -0.67
C PRO A 194 18.22 -8.80 0.48
N GLU A 195 18.66 -7.54 0.45
CA GLU A 195 19.46 -7.05 1.57
C GLU A 195 18.64 -6.80 2.82
N ALA A 196 17.32 -6.57 2.64
CA ALA A 196 16.44 -6.45 3.79
C ALA A 196 16.15 -7.81 4.41
N ILE A 197 15.93 -8.83 3.58
CA ILE A 197 15.81 -10.18 4.11
C ILE A 197 17.08 -10.59 4.85
N ALA A 198 18.23 -10.42 4.20
CA ALA A 198 19.48 -10.96 4.73
C ALA A 198 19.99 -10.18 5.93
N PHE A 199 19.87 -8.85 5.90
CA PHE A 199 20.54 -8.03 6.90
C PHE A 199 19.59 -7.18 7.73
N ARG A 200 18.28 -7.24 7.44
CA ARG A 200 17.28 -6.40 8.11
C ARG A 200 17.55 -4.92 7.90
N LYS A 201 18.15 -4.54 6.79
CA LYS A 201 18.38 -3.14 6.46
C LYS A 201 17.23 -2.74 5.54
N PHE A 202 16.25 -2.04 6.11
CA PHE A 202 15.12 -1.55 5.34
C PHE A 202 15.32 -0.06 5.08
N THR A 203 15.22 0.33 3.81
CA THR A 203 15.42 1.69 3.39
C THR A 203 14.39 2.00 2.32
N SER A 204 14.36 3.25 1.88
CA SER A 204 13.48 3.54 0.74
C SER A 204 13.89 2.77 -0.49
N ALA A 205 15.18 2.41 -0.65
CA ALA A 205 15.59 1.56 -1.76
C ALA A 205 15.05 0.15 -1.63
N SER A 206 14.90 -0.40 -0.43
CA SER A 206 14.19 -1.67 -0.30
C SER A 206 12.71 -1.50 -0.60
N ASP A 207 12.19 -0.31 -0.35
CA ASP A 207 10.80 0.00 -0.66
C ASP A 207 10.65 -0.02 -2.19
N VAL A 208 11.67 0.44 -2.90
CA VAL A 208 11.64 0.46 -4.37
C VAL A 208 11.56 -0.96 -4.93
N TRP A 209 12.31 -1.90 -4.32
CA TRP A 209 12.19 -3.29 -4.73
C TRP A 209 10.74 -3.75 -4.59
N SER A 210 10.14 -3.48 -3.42
CA SER A 210 8.74 -3.85 -3.20
C SER A 210 7.84 -3.20 -4.24
N TYR A 211 8.10 -1.94 -4.57
CA TYR A 211 7.32 -1.24 -5.58
C TYR A 211 7.37 -1.96 -6.91
N GLY A 212 8.54 -2.48 -7.29
CA GLY A 212 8.60 -3.28 -8.49
C GLY A 212 7.71 -4.50 -8.43
N ILE A 213 7.64 -5.15 -7.27
CA ILE A 213 6.70 -6.26 -7.10
C ILE A 213 5.26 -5.78 -7.28
N VAL A 214 4.90 -4.64 -6.66
CA VAL A 214 3.58 -4.06 -6.86
C VAL A 214 3.30 -3.81 -8.32
N MET A 215 4.26 -3.27 -9.08
CA MET A 215 4.06 -3.08 -10.52
C MET A 215 3.69 -4.40 -11.17
N TRP A 216 4.38 -5.48 -10.80
CA TRP A 216 4.10 -6.78 -11.39
C TRP A 216 2.71 -7.25 -11.01
N GLU A 217 2.33 -7.04 -9.75
CA GLU A 217 0.97 -7.38 -9.30
C GLU A 217 -0.06 -6.61 -10.09
N VAL A 218 0.15 -5.34 -10.34
CA VAL A 218 -0.85 -4.53 -11.04
C VAL A 218 -0.97 -4.99 -12.49
N MET A 219 0.17 -5.16 -13.17
CA MET A 219 0.13 -5.51 -14.58
C MET A 219 -0.32 -6.93 -14.80
N SER A 220 -0.31 -7.75 -13.75
N SER A 220 -0.31 -7.74 -13.75
CA SER A 220 -0.87 -9.09 -13.82
CA SER A 220 -0.84 -9.10 -13.76
C SER A 220 -2.27 -9.18 -13.24
C SER A 220 -2.30 -9.18 -13.32
N PHE A 221 -2.93 -8.04 -13.00
CA PHE A 221 -4.29 -8.04 -12.44
C PHE A 221 -4.40 -8.85 -11.16
N GLY A 222 -3.40 -8.73 -10.27
CA GLY A 222 -3.51 -9.33 -8.95
C GLY A 222 -3.08 -10.78 -8.83
N GLU A 223 -2.21 -11.26 -9.68
CA GLU A 223 -1.68 -12.58 -9.52
C GLU A 223 -0.69 -12.58 -8.33
N ARG A 224 -0.47 -13.71 -7.73
CA ARG A 224 0.44 -13.83 -6.60
C ARG A 224 1.90 -13.82 -7.09
N PRO A 225 2.74 -12.95 -6.56
CA PRO A 225 4.15 -12.97 -6.96
C PRO A 225 4.76 -14.33 -6.68
N TYR A 226 5.48 -14.85 -7.67
CA TYR A 226 6.24 -16.10 -7.58
C TYR A 226 5.35 -17.33 -7.53
N TRP A 227 4.04 -17.16 -7.80
CA TRP A 227 3.07 -18.24 -7.83
C TRP A 227 3.24 -19.17 -6.64
N ASP A 228 3.59 -20.43 -6.91
N ASP A 228 3.59 -20.44 -6.88
CA ASP A 228 3.60 -21.48 -5.89
CA ASP A 228 3.60 -21.44 -5.83
C ASP A 228 4.95 -21.63 -5.18
C ASP A 228 4.98 -21.66 -5.20
N MET A 229 5.96 -20.82 -5.53
CA MET A 229 7.28 -20.98 -4.93
C MET A 229 7.22 -20.73 -3.43
N SER A 230 7.97 -21.53 -2.67
CA SER A 230 8.07 -21.29 -1.25
C SER A 230 8.94 -20.04 -1.00
N ASN A 231 8.89 -19.54 0.24
CA ASN A 231 9.68 -18.37 0.60
C ASN A 231 11.16 -18.64 0.38
N GLN A 232 11.64 -19.80 0.82
CA GLN A 232 13.07 -20.08 0.64
C GLN A 232 13.41 -20.23 -0.83
N ASP A 233 12.49 -20.76 -1.63
CA ASP A 233 12.72 -20.88 -3.07
C ASP A 233 12.85 -19.50 -3.71
N VAL A 234 12.02 -18.55 -3.27
CA VAL A 234 12.10 -17.18 -3.78
C VAL A 234 13.45 -16.56 -3.42
N ILE A 235 13.84 -16.67 -2.15
CA ILE A 235 15.14 -16.13 -1.71
C ILE A 235 16.27 -16.70 -2.55
N ASN A 236 16.23 -18.01 -2.79
CA ASN A 236 17.31 -18.64 -3.55
C ASN A 236 17.26 -18.24 -5.01
N ALA A 237 16.07 -18.18 -5.61
CA ALA A 237 15.97 -17.81 -7.01
C ALA A 237 16.48 -16.40 -7.26
N ILE A 238 16.08 -15.44 -6.41
CA ILE A 238 16.55 -14.06 -6.58
C ILE A 238 18.07 -13.99 -6.47
N GLU A 239 18.63 -14.70 -5.48
CA GLU A 239 20.09 -14.76 -5.35
C GLU A 239 20.73 -15.37 -6.59
N GLN A 240 20.02 -16.27 -7.27
CA GLN A 240 20.46 -16.91 -8.49
C GLN A 240 19.96 -16.21 -9.74
N ASP A 241 19.63 -14.92 -9.65
CA ASP A 241 19.40 -14.02 -10.77
C ASP A 241 18.03 -14.14 -11.40
N TYR A 242 17.17 -14.99 -10.88
CA TYR A 242 15.81 -15.08 -11.41
C TYR A 242 15.08 -13.78 -11.08
N ARG A 243 14.29 -13.31 -12.04
CA ARG A 243 13.35 -12.23 -11.79
C ARG A 243 12.03 -12.58 -12.45
N LEU A 244 10.93 -12.09 -11.87
CA LEU A 244 9.62 -12.37 -12.43
C LEU A 244 9.54 -11.94 -13.89
N PRO A 245 8.85 -12.69 -14.73
CA PRO A 245 8.80 -12.36 -16.16
C PRO A 245 7.72 -11.32 -16.44
N PRO A 246 7.66 -10.77 -17.64
CA PRO A 246 6.61 -9.79 -17.95
C PRO A 246 5.26 -10.47 -17.83
N PRO A 247 4.30 -9.85 -17.17
CA PRO A 247 2.95 -10.36 -17.20
C PRO A 247 2.40 -10.34 -18.61
N PRO A 248 1.36 -11.15 -18.87
CA PRO A 248 0.72 -11.12 -20.19
C PRO A 248 0.34 -9.70 -20.57
N ASP A 249 0.70 -9.32 -21.80
CA ASP A 249 0.39 -8.04 -22.41
C ASP A 249 1.11 -6.87 -21.76
N CYS A 250 2.06 -7.14 -20.88
CA CYS A 250 2.71 -6.04 -20.19
C CYS A 250 3.67 -5.31 -21.13
N PRO A 251 3.56 -3.99 -21.27
CA PRO A 251 4.55 -3.25 -22.07
C PRO A 251 5.95 -3.53 -21.55
N THR A 252 6.87 -3.75 -22.50
CA THR A 252 8.25 -4.04 -22.13
C THR A 252 8.85 -2.91 -21.31
N SER A 253 8.49 -1.66 -21.59
CA SER A 253 9.07 -0.57 -20.81
C SER A 253 8.66 -0.65 -19.34
N LEU A 254 7.45 -1.15 -19.05
CA LEU A 254 7.08 -1.34 -17.65
C LEU A 254 7.83 -2.52 -17.03
N HIS A 255 8.03 -3.62 -17.77
CA HIS A 255 8.81 -4.71 -17.22
C HIS A 255 10.25 -4.28 -16.98
N GLN A 256 10.82 -3.49 -17.90
CA GLN A 256 12.18 -3.02 -17.68
C GLN A 256 12.28 -2.17 -16.42
N LEU A 257 11.26 -1.33 -16.18
CA LEU A 257 11.25 -0.57 -14.94
C LEU A 257 11.17 -1.50 -13.73
N MET A 258 10.37 -2.56 -13.79
CA MET A 258 10.41 -3.55 -12.71
C MET A 258 11.82 -4.09 -12.52
N LEU A 259 12.48 -4.49 -13.62
CA LEU A 259 13.83 -5.06 -13.50
C LEU A 259 14.79 -4.05 -12.87
N ASP A 260 14.60 -2.77 -13.20
CA ASP A 260 15.43 -1.73 -12.58
C ASP A 260 15.20 -1.67 -11.06
N CYS A 261 13.94 -1.79 -10.64
CA CYS A 261 13.63 -1.83 -9.20
C CYS A 261 14.24 -3.03 -8.52
N TRP A 262 14.46 -4.12 -9.25
CA TRP A 262 14.92 -5.38 -8.69
C TRP A 262 16.42 -5.59 -8.88
N GLN A 263 17.19 -4.52 -9.03
CA GLN A 263 18.63 -4.68 -9.02
C GLN A 263 19.11 -5.13 -7.65
N LYS A 264 20.03 -6.11 -7.63
CA LYS A 264 20.54 -6.59 -6.37
C LYS A 264 21.21 -5.48 -5.58
N ASP A 265 21.97 -4.64 -6.26
CA ASP A 265 22.65 -3.52 -5.62
C ASP A 265 21.62 -2.43 -5.39
N ARG A 266 21.32 -2.20 -4.12
CA ARG A 266 20.27 -1.24 -3.77
C ARG A 266 20.58 0.15 -4.29
N ASN A 267 21.87 0.51 -4.38
CA ASN A 267 22.24 1.84 -4.83
C ASN A 267 22.04 2.05 -6.32
N ALA A 268 21.84 0.98 -7.08
CA ALA A 268 21.60 1.09 -8.51
C ALA A 268 20.12 1.23 -8.84
N ARG A 269 19.24 0.95 -7.88
CA ARG A 269 17.81 1.06 -8.13
C ARG A 269 17.44 2.52 -8.34
N PRO A 270 16.43 2.79 -9.15
CA PRO A 270 15.91 4.16 -9.22
C PRO A 270 15.30 4.54 -7.87
N ARG A 271 15.35 5.83 -7.57
CA ARG A 271 14.63 6.36 -6.44
C ARG A 271 13.21 6.75 -6.85
N PHE A 272 12.34 6.92 -5.85
CA PHE A 272 10.94 7.19 -6.16
C PHE A 272 10.73 8.41 -7.04
N PRO A 273 11.46 9.53 -6.90
CA PRO A 273 11.22 10.64 -7.85
C PRO A 273 11.46 10.23 -9.29
N GLN A 274 12.52 9.44 -9.55
N GLN A 274 12.49 9.41 -9.56
CA GLN A 274 12.80 8.92 -10.88
CA GLN A 274 12.77 8.96 -10.92
C GLN A 274 11.67 8.05 -11.37
C GLN A 274 11.73 7.94 -11.41
N ILE A 275 11.13 7.18 -10.49
CA ILE A 275 10.06 6.28 -10.88
C ILE A 275 8.84 7.07 -11.32
N VAL A 276 8.47 8.10 -10.54
CA VAL A 276 7.32 8.91 -10.91
C VAL A 276 7.56 9.56 -12.27
N SER A 277 8.75 10.13 -12.47
N SER A 277 8.76 10.12 -12.47
CA SER A 277 9.09 10.73 -13.77
CA SER A 277 9.08 10.75 -13.75
C SER A 277 8.95 9.75 -14.90
C SER A 277 8.98 9.76 -14.91
N ALA A 278 9.44 8.52 -14.72
CA ALA A 278 9.35 7.52 -15.79
C ALA A 278 7.90 7.21 -16.12
N LEU A 279 7.04 7.08 -15.10
CA LEU A 279 5.63 6.81 -15.36
C LEU A 279 4.95 8.00 -16.01
N ASP A 280 5.30 9.20 -15.58
CA ASP A 280 4.71 10.38 -16.21
C ASP A 280 5.08 10.46 -17.69
N LYS A 281 6.30 10.06 -18.04
CA LYS A 281 6.69 10.02 -19.45
C LYS A 281 5.84 9.03 -20.25
N MET A 282 5.60 7.85 -19.69
CA MET A 282 4.73 6.89 -20.35
C MET A 282 3.35 7.46 -20.56
N ILE A 283 2.81 8.15 -19.55
CA ILE A 283 1.47 8.71 -19.69
C ILE A 283 1.45 9.77 -20.80
N ARG A 284 2.51 10.57 -20.90
CA ARG A 284 2.59 11.60 -21.93
C ARG A 284 2.81 10.99 -23.31
N ASN A 285 3.55 9.89 -23.38
CA ASN A 285 3.94 9.26 -24.64
C ASN A 285 3.40 7.83 -24.66
N PRO A 286 2.08 7.66 -24.71
CA PRO A 286 1.50 6.30 -24.60
C PRO A 286 1.94 5.36 -25.70
N ALA A 287 2.37 5.87 -26.86
CA ALA A 287 2.85 4.98 -27.90
C ALA A 287 4.05 4.16 -27.47
N SER A 288 4.78 4.62 -26.45
CA SER A 288 5.93 3.88 -25.93
C SER A 288 5.54 2.61 -25.19
N LEU A 289 4.26 2.44 -24.88
CA LEU A 289 3.76 1.26 -24.19
C LEU A 289 3.31 0.16 -25.14
N LYS A 290 3.36 0.40 -26.46
CA LYS A 290 2.86 -0.60 -27.40
C LYS A 290 3.78 -1.82 -27.53
N ILE A 291 5.07 -1.64 -27.30
CA ILE A 291 6.03 -2.73 -27.42
C ILE A 291 5.82 -3.71 -26.28
N VAL A 292 5.50 -4.95 -26.63
CA VAL A 292 5.29 -6.06 -25.70
C VAL A 292 6.16 -7.22 -26.17
N ALA A 293 6.51 -8.11 -25.26
CA ALA A 293 7.38 -9.23 -25.60
C ALA A 293 6.65 -10.26 -26.46
N ARG A 294 7.45 -11.17 -27.02
CA ARG A 294 6.97 -12.26 -27.86
C ARG A 294 6.15 -11.77 -29.04
#